data_8EX6
#
_entry.id   8EX6
#
_cell.length_a   1.00
_cell.length_b   1.00
_cell.length_c   1.00
_cell.angle_alpha   90.00
_cell.angle_beta   90.00
_cell.angle_gamma   90.00
#
_symmetry.space_group_name_H-M   'P 1'
#
loop_
_entity.id
_entity.type
_entity.pdbx_description
1 polymer 'Sphingosine-1-phosphate transporter SPNS2'
2 non-polymer '(2S,3R,4E)-2-amino-3-hydroxyoctadec-4-en-1-yl dihydrogen phosphate'
#
_entity_poly.entity_id   1
_entity_poly.type   'polypeptide(L)'
_entity_poly.pdbx_seq_one_letter_code
;EKRKAAAAILSLGNVLNYLDRYTVAGVLLDIQQHFGVKDRGAGLLQSVFICSFMVAAPIFGYLGDRFNRKVILSCGIFFW
SAVTFSSSFIPQQYFWLLVLSRGLVGIGEASYSTIAPTIIGDLFTKNTRTLMLSVFYFAIPLGSGLGYITGSSVKQAAGD
WHWALRVSPVLGMITGTLILILVPATKRGHADQLGDQLKARTSWLRDMKALIRNRSYVFSSLATSAVSFATGALGMWIPL
YLHRAQVVQKTAETCNSPPCGAKDSLIFGAITCFTGFLGVVTGAGATRWCRLKTQRADPLVCAVGMLGSAIFICLIFVAA
KSSIVGAYICIFVGETLLFSNWAITADILMYVVIPTRRATAVALQSFTSHLLGDAGSPYLIGFISDLIRQSTKDSPLWEF
LSLGYALMLCPFVVVLGGMFFLATALFFVSDRARAEQQVNQLAMPPASVKV
;
_entity_poly.pdbx_strand_id   A
#
loop_
_chem_comp.id
_chem_comp.type
_chem_comp.name
_chem_comp.formula
S1P non-polymer '(2S,3R,4E)-2-amino-3-hydroxyoctadec-4-en-1-yl dihydrogen phosphate' 'C18 H38 N O5 P'
#
# COMPACT_ATOMS: atom_id res chain seq x y z
N GLU A 1 -17.44 1.32 26.10
CA GLU A 1 -18.18 1.60 24.88
C GLU A 1 -17.59 2.78 24.13
N LYS A 2 -17.26 3.84 24.87
CA LYS A 2 -16.70 5.04 24.23
C LYS A 2 -15.39 4.71 23.53
N ARG A 3 -14.55 3.87 24.14
CA ARG A 3 -13.32 3.46 23.47
C ARG A 3 -13.63 2.64 22.22
N LYS A 4 -14.67 1.80 22.28
CA LYS A 4 -15.09 1.09 21.08
C LYS A 4 -15.60 2.05 20.01
N ALA A 5 -16.29 3.11 20.42
CA ALA A 5 -16.74 4.12 19.47
C ALA A 5 -15.55 4.83 18.82
N ALA A 6 -14.52 5.14 19.61
CA ALA A 6 -13.33 5.76 19.05
C ALA A 6 -12.64 4.83 18.06
N ALA A 7 -12.56 3.54 18.40
CA ALA A 7 -11.94 2.58 17.47
C ALA A 7 -12.74 2.49 16.18
N ALA A 8 -14.06 2.48 16.26
CA ALA A 8 -14.88 2.44 15.05
C ALA A 8 -14.67 3.70 14.20
N ILE A 9 -14.62 4.86 14.83
CA ILE A 9 -14.44 6.10 14.08
C ILE A 9 -13.06 6.13 13.42
N LEU A 10 -12.02 5.68 14.12
CA LEU A 10 -10.70 5.66 13.50
C LEU A 10 -10.61 4.63 12.38
N SER A 11 -11.32 3.50 12.50
CA SER A 11 -11.34 2.54 11.40
C SER A 11 -12.03 3.12 10.18
N LEU A 12 -13.14 3.84 10.37
CA LEU A 12 -13.79 4.51 9.25
C LEU A 12 -12.86 5.56 8.65
N GLY A 13 -12.10 6.25 9.50
CA GLY A 13 -11.11 7.19 8.99
C GLY A 13 -10.06 6.51 8.13
N ASN A 14 -9.62 5.32 8.53
CA ASN A 14 -8.65 4.59 7.71
C ASN A 14 -9.26 4.16 6.38
N VAL A 15 -10.52 3.74 6.40
CA VAL A 15 -11.21 3.43 5.15
C VAL A 15 -11.17 4.63 4.21
N LEU A 16 -11.52 5.80 4.74
CA LEU A 16 -11.49 7.03 3.94
C LEU A 16 -10.06 7.34 3.49
N ASN A 17 -9.08 7.05 4.34
CA ASN A 17 -7.69 7.31 3.99
C ASN A 17 -7.29 6.55 2.74
N TYR A 18 -7.56 5.24 2.72
CA TYR A 18 -7.18 4.46 1.54
C TYR A 18 -8.05 4.79 0.33
N LEU A 19 -9.32 5.14 0.57
CA LEU A 19 -10.15 5.59 -0.54
C LEU A 19 -9.55 6.83 -1.21
N ASP A 20 -9.11 7.80 -0.41
CA ASP A 20 -8.43 8.97 -0.95
C ASP A 20 -7.14 8.59 -1.64
N ARG A 21 -6.42 7.61 -1.10
CA ARG A 21 -5.15 7.23 -1.69
C ARG A 21 -5.34 6.68 -3.10
N TYR A 22 -6.35 5.84 -3.32
CA TYR A 22 -6.50 5.15 -4.59
C TYR A 22 -7.57 5.74 -5.50
N THR A 23 -8.22 6.84 -5.10
CA THR A 23 -9.16 7.49 -6.00
C THR A 23 -8.51 7.92 -7.30
N VAL A 24 -7.31 8.52 -7.23
CA VAL A 24 -6.61 8.92 -8.44
C VAL A 24 -6.23 7.69 -9.26
N ALA A 25 -5.74 6.63 -8.60
CA ALA A 25 -5.37 5.43 -9.32
C ALA A 25 -6.57 4.83 -10.06
N GLY A 26 -7.77 5.04 -9.55
CA GLY A 26 -8.95 4.55 -10.25
C GLY A 26 -9.20 5.24 -11.57
N VAL A 27 -8.91 6.54 -11.65
CA VAL A 27 -9.35 7.37 -12.78
C VAL A 27 -8.13 7.96 -13.49
N LEU A 28 -7.03 7.20 -13.51
CA LEU A 28 -5.78 7.72 -14.08
C LEU A 28 -5.91 8.03 -15.57
N LEU A 29 -6.75 7.26 -16.29
CA LEU A 29 -6.88 7.49 -17.72
C LEU A 29 -7.41 8.88 -18.03
N ASP A 30 -8.40 9.33 -17.26
CA ASP A 30 -8.97 10.64 -17.49
C ASP A 30 -7.98 11.75 -17.17
N ILE A 31 -7.20 11.60 -16.11
CA ILE A 31 -6.17 12.59 -15.80
C ILE A 31 -5.16 12.67 -16.94
N GLN A 32 -4.73 11.51 -17.43
CA GLN A 32 -3.79 11.49 -18.55
C GLN A 32 -4.37 12.19 -19.77
N GLN A 33 -5.63 11.90 -20.10
CA GLN A 33 -6.21 12.46 -21.31
C GLN A 33 -6.47 13.95 -21.18
N HIS A 34 -7.02 14.38 -20.04
CA HIS A 34 -7.33 15.79 -19.85
C HIS A 34 -6.06 16.63 -19.78
N PHE A 35 -5.12 16.25 -18.94
CA PHE A 35 -3.92 17.07 -18.78
C PHE A 35 -2.97 16.93 -19.96
N GLY A 36 -3.09 15.86 -20.73
CA GLY A 36 -2.25 15.64 -21.89
C GLY A 36 -0.90 15.03 -21.61
N VAL A 37 -0.60 14.71 -20.35
CA VAL A 37 0.71 14.19 -20.00
C VAL A 37 0.82 12.71 -20.38
N LYS A 38 2.04 12.27 -20.63
CA LYS A 38 2.34 10.90 -21.01
C LYS A 38 2.37 10.02 -19.76
N ASP A 39 2.86 8.79 -19.90
CA ASP A 39 2.85 7.86 -18.77
C ASP A 39 3.82 8.29 -17.66
N ARG A 40 4.85 9.05 -18.01
CA ARG A 40 5.82 9.48 -17.01
C ARG A 40 5.16 10.37 -15.95
N GLY A 41 4.34 11.33 -16.38
CA GLY A 41 3.65 12.16 -15.41
C GLY A 41 2.64 11.38 -14.58
N ALA A 42 1.98 10.41 -15.21
CA ALA A 42 1.05 9.57 -14.47
C ALA A 42 1.77 8.82 -13.35
N GLY A 43 2.95 8.27 -13.64
CA GLY A 43 3.72 7.66 -12.58
C GLY A 43 4.16 8.66 -11.53
N LEU A 44 4.50 9.88 -11.95
CA LEU A 44 4.90 10.91 -10.99
C LEU A 44 3.79 11.22 -10.00
N LEU A 45 2.54 11.17 -10.45
CA LEU A 45 1.41 11.50 -9.58
C LEU A 45 1.37 10.63 -8.32
N GLN A 46 1.93 9.43 -8.35
CA GLN A 46 2.00 8.60 -7.16
C GLN A 46 3.39 8.52 -6.55
N SER A 47 4.44 8.65 -7.36
CA SER A 47 5.78 8.69 -6.79
C SER A 47 5.94 9.87 -5.85
N VAL A 48 5.42 11.04 -6.23
CA VAL A 48 5.53 12.20 -5.34
C VAL A 48 4.74 11.98 -4.07
N PHE A 49 3.53 11.42 -4.18
CA PHE A 49 2.73 11.13 -3.01
C PHE A 49 3.48 10.23 -2.05
N ILE A 50 4.05 9.13 -2.56
CA ILE A 50 4.70 8.16 -1.68
C ILE A 50 5.98 8.75 -1.10
N CYS A 51 6.73 9.54 -1.86
CA CYS A 51 7.93 10.16 -1.31
C CYS A 51 7.57 11.12 -0.17
N SER A 52 6.51 11.91 -0.33
CA SER A 52 6.10 12.79 0.76
C SER A 52 5.64 12.00 1.97
N PHE A 53 4.89 10.91 1.74
CA PHE A 53 4.48 10.05 2.85
C PHE A 53 5.69 9.46 3.57
N MET A 54 6.67 9.00 2.81
CA MET A 54 7.92 8.48 3.34
C MET A 54 8.60 9.49 4.26
N VAL A 55 8.80 10.71 3.76
CA VAL A 55 9.53 11.71 4.52
C VAL A 55 8.73 12.20 5.71
N ALA A 56 7.40 12.19 5.63
CA ALA A 56 6.60 12.75 6.71
C ALA A 56 6.21 11.74 7.78
N ALA A 57 6.32 10.44 7.51
CA ALA A 57 5.94 9.46 8.54
C ALA A 57 6.80 9.54 9.79
N PRO A 58 8.14 9.53 9.73
CA PRO A 58 8.92 9.65 10.97
C PRO A 58 8.67 10.94 11.73
N ILE A 59 8.47 12.06 11.03
CA ILE A 59 8.27 13.33 11.71
C ILE A 59 7.00 13.29 12.55
N PHE A 60 5.92 12.74 12.00
CA PHE A 60 4.69 12.67 12.76
C PHE A 60 4.74 11.58 13.81
N GLY A 61 5.51 10.52 13.58
CA GLY A 61 5.76 9.57 14.66
C GLY A 61 6.45 10.21 15.85
N TYR A 62 7.35 11.17 15.58
CA TYR A 62 8.01 11.90 16.65
C TYR A 62 7.07 12.91 17.31
N LEU A 63 6.29 13.63 16.50
CA LEU A 63 5.42 14.68 17.03
C LEU A 63 4.28 14.09 17.85
N GLY A 64 3.77 12.92 17.47
CA GLY A 64 2.78 12.27 18.30
C GLY A 64 3.34 11.89 19.67
N ASP A 65 4.60 11.44 19.70
CA ASP A 65 5.23 11.12 20.97
C ASP A 65 5.43 12.36 21.83
N ARG A 66 5.84 13.47 21.22
CA ARG A 66 6.22 14.65 22.00
C ARG A 66 5.16 15.75 22.02
N PHE A 67 3.98 15.51 21.46
CA PHE A 67 2.92 16.51 21.49
C PHE A 67 1.58 15.80 21.55
N ASN A 68 0.50 16.57 21.35
CA ASN A 68 -0.84 15.98 21.39
C ASN A 68 -1.09 15.14 20.15
N ARG A 69 -1.95 14.13 20.29
CA ARG A 69 -2.23 13.21 19.19
C ARG A 69 -3.58 13.46 18.54
N LYS A 70 -4.62 13.71 19.32
CA LYS A 70 -5.95 13.93 18.74
C LYS A 70 -5.98 15.16 17.86
N VAL A 71 -5.36 16.25 18.32
CA VAL A 71 -5.34 17.48 17.54
C VAL A 71 -4.55 17.29 16.25
N ILE A 72 -3.40 16.62 16.32
CA ILE A 72 -2.59 16.40 15.13
C ILE A 72 -3.32 15.51 14.13
N LEU A 73 -3.95 14.45 14.61
CA LEU A 73 -4.66 13.55 13.72
C LEU A 73 -5.83 14.26 13.05
N SER A 74 -6.60 15.04 13.80
CA SER A 74 -7.70 15.77 13.20
C SER A 74 -7.20 16.83 12.21
N CYS A 75 -6.13 17.54 12.56
CA CYS A 75 -5.59 18.53 11.63
C CYS A 75 -5.14 17.85 10.34
N GLY A 76 -4.56 16.65 10.45
CA GLY A 76 -4.19 15.92 9.26
C GLY A 76 -5.40 15.55 8.40
N ILE A 77 -6.49 15.13 9.03
CA ILE A 77 -7.63 14.68 8.24
C ILE A 77 -8.34 15.86 7.57
N PHE A 78 -8.61 16.95 8.31
CA PHE A 78 -9.11 18.13 7.61
C PHE A 78 -8.09 18.76 6.70
N PHE A 79 -6.82 18.38 6.77
CA PHE A 79 -5.87 18.88 5.81
C PHE A 79 -5.96 18.13 4.49
N TRP A 80 -5.92 16.80 4.52
CA TRP A 80 -5.89 16.12 3.23
C TRP A 80 -7.26 16.14 2.57
N SER A 81 -8.35 16.16 3.35
CA SER A 81 -9.65 16.29 2.72
C SER A 81 -9.80 17.63 2.01
N ALA A 82 -9.39 18.71 2.67
CA ALA A 82 -9.46 20.03 2.05
C ALA A 82 -8.56 20.10 0.82
N VAL A 83 -7.37 19.50 0.90
CA VAL A 83 -6.45 19.57 -0.24
C VAL A 83 -6.96 18.76 -1.41
N THR A 84 -7.57 17.59 -1.15
CA THR A 84 -8.17 16.83 -2.23
C THR A 84 -9.29 17.61 -2.90
N PHE A 85 -10.19 18.20 -2.11
CA PHE A 85 -11.27 18.97 -2.71
C PHE A 85 -10.73 20.15 -3.50
N SER A 86 -9.72 20.83 -2.98
CA SER A 86 -9.15 21.96 -3.71
C SER A 86 -8.50 21.51 -5.01
N SER A 87 -7.74 20.41 -4.97
CA SER A 87 -7.06 19.92 -6.16
C SER A 87 -8.04 19.46 -7.22
N SER A 88 -9.26 19.09 -6.83
CA SER A 88 -10.26 18.76 -7.83
C SER A 88 -10.62 19.95 -8.72
N PHE A 89 -10.27 21.18 -8.32
CA PHE A 89 -10.61 22.37 -9.07
C PHE A 89 -9.45 22.91 -9.90
N ILE A 90 -8.35 22.16 -10.01
CA ILE A 90 -7.15 22.66 -10.69
C ILE A 90 -7.41 22.73 -12.19
N PRO A 91 -7.05 23.83 -12.86
CA PRO A 91 -7.30 23.93 -14.31
C PRO A 91 -6.44 22.99 -15.13
N GLN A 92 -6.63 23.01 -16.45
CA GLN A 92 -5.88 22.10 -17.32
C GLN A 92 -4.45 22.55 -17.53
N GLN A 93 -4.18 23.86 -17.46
CA GLN A 93 -2.86 24.37 -17.76
C GLN A 93 -1.83 23.98 -16.71
N TYR A 94 -2.28 23.63 -15.51
CA TYR A 94 -1.38 23.32 -14.40
C TYR A 94 -1.45 21.84 -14.09
N PHE A 95 -0.31 21.17 -14.15
CA PHE A 95 -0.17 19.77 -13.73
C PHE A 95 0.69 19.63 -12.49
N TRP A 96 1.78 20.40 -12.40
CA TRP A 96 2.60 20.38 -11.20
C TRP A 96 1.80 20.80 -9.98
N LEU A 97 0.74 21.59 -10.17
CA LEU A 97 -0.15 21.88 -9.04
C LEU A 97 -0.83 20.60 -8.55
N LEU A 98 -1.30 19.76 -9.47
CA LEU A 98 -1.90 18.50 -9.05
C LEU A 98 -0.88 17.60 -8.37
N VAL A 99 0.35 17.57 -8.89
CA VAL A 99 1.39 16.76 -8.26
C VAL A 99 1.69 17.27 -6.85
N LEU A 100 1.77 18.59 -6.68
CA LEU A 100 2.01 19.17 -5.37
C LEU A 100 0.86 18.86 -4.41
N SER A 101 -0.37 18.90 -4.91
CA SER A 101 -1.51 18.53 -4.06
C SER A 101 -1.43 17.08 -3.65
N ARG A 102 -0.97 16.21 -4.55
CA ARG A 102 -0.73 14.82 -4.16
C ARG A 102 0.31 14.73 -3.05
N GLY A 103 1.37 15.54 -3.14
CA GLY A 103 2.36 15.56 -2.08
C GLY A 103 1.79 15.97 -0.73
N LEU A 104 0.97 17.02 -0.72
CA LEU A 104 0.38 17.47 0.54
C LEU A 104 -0.60 16.45 1.11
N VAL A 105 -1.38 15.80 0.23
CA VAL A 105 -2.22 14.69 0.68
C VAL A 105 -1.36 13.59 1.28
N GLY A 106 -0.18 13.36 0.70
CA GLY A 106 0.73 12.38 1.26
C GLY A 106 1.16 12.72 2.66
N ILE A 107 1.47 14.00 2.91
CA ILE A 107 1.87 14.42 4.25
C ILE A 107 0.74 14.20 5.25
N GLY A 108 -0.48 14.61 4.89
CA GLY A 108 -1.60 14.43 5.79
C GLY A 108 -1.87 12.97 6.09
N GLU A 109 -1.86 12.13 5.06
CA GLU A 109 -2.09 10.70 5.26
C GLU A 109 -0.95 10.07 6.06
N ALA A 110 0.27 10.59 5.93
CA ALA A 110 1.36 10.13 6.78
C ALA A 110 1.05 10.38 8.25
N SER A 111 0.61 11.59 8.56
CA SER A 111 0.26 11.90 9.94
C SER A 111 -0.79 10.93 10.47
N TYR A 112 -1.89 10.77 9.71
CA TYR A 112 -2.96 9.90 10.18
C TYR A 112 -2.48 8.45 10.33
N SER A 113 -1.89 7.89 9.28
CA SER A 113 -1.53 6.48 9.30
C SER A 113 -0.39 6.18 10.26
N THR A 114 0.34 7.20 10.71
CA THR A 114 1.36 6.97 11.73
C THR A 114 0.81 7.13 13.14
N ILE A 115 -0.15 8.01 13.36
CA ILE A 115 -0.59 8.27 14.73
C ILE A 115 -1.78 7.39 15.14
N ALA A 116 -2.75 7.17 14.25
CA ALA A 116 -3.97 6.46 14.65
C ALA A 116 -3.72 5.09 15.27
N PRO A 117 -2.86 4.22 14.74
CA PRO A 117 -2.65 2.92 15.41
C PRO A 117 -2.15 3.05 16.83
N THR A 118 -1.37 4.07 17.14
CA THR A 118 -0.93 4.27 18.53
C THR A 118 -2.10 4.56 19.45
N ILE A 119 -3.04 5.40 19.00
CA ILE A 119 -4.23 5.67 19.80
C ILE A 119 -5.02 4.39 20.00
N ILE A 120 -5.22 3.62 18.93
CA ILE A 120 -6.02 2.41 19.04
C ILE A 120 -5.37 1.42 20.00
N GLY A 121 -4.04 1.29 19.93
CA GLY A 121 -3.35 0.43 20.87
C GLY A 121 -3.46 0.90 22.30
N ASP A 122 -3.34 2.22 22.53
CA ASP A 122 -3.36 2.75 23.88
C ASP A 122 -4.75 2.61 24.51
N LEU A 123 -5.81 2.70 23.71
CA LEU A 123 -7.16 2.67 24.27
C LEU A 123 -7.47 1.34 24.92
N PHE A 124 -7.06 0.23 24.31
CA PHE A 124 -7.56 -1.09 24.68
C PHE A 124 -6.53 -1.89 25.47
N THR A 125 -6.88 -3.15 25.75
CA THR A 125 -6.04 -4.12 26.42
C THR A 125 -5.67 -5.23 25.46
N LYS A 126 -4.84 -6.16 25.94
CA LYS A 126 -4.12 -7.12 25.09
C LYS A 126 -4.99 -7.76 24.01
N ASN A 127 -5.99 -8.55 24.41
CA ASN A 127 -6.82 -9.22 23.42
C ASN A 127 -7.71 -8.22 22.69
N THR A 128 -8.27 -7.26 23.43
CA THR A 128 -9.08 -6.22 22.80
C THR A 128 -8.24 -5.38 21.83
N ARG A 129 -7.03 -5.01 22.22
CA ARG A 129 -6.20 -4.23 21.31
C ARG A 129 -5.83 -5.04 20.08
N THR A 130 -5.59 -6.35 20.25
CA THR A 130 -5.30 -7.19 19.10
C THR A 130 -6.46 -7.24 18.13
N LEU A 131 -7.67 -7.46 18.65
CA LEU A 131 -8.84 -7.51 17.77
C LEU A 131 -9.10 -6.16 17.09
N MET A 132 -8.97 -5.07 17.84
CA MET A 132 -9.28 -3.76 17.28
C MET A 132 -8.24 -3.35 16.24
N LEU A 133 -6.96 -3.66 16.48
CA LEU A 133 -5.96 -3.43 15.45
C LEU A 133 -6.20 -4.31 14.23
N SER A 134 -6.67 -5.54 14.44
CA SER A 134 -7.02 -6.39 13.31
C SER A 134 -8.11 -5.75 12.47
N VAL A 135 -9.13 -5.18 13.11
CA VAL A 135 -10.18 -4.48 12.35
C VAL A 135 -9.61 -3.25 11.65
N PHE A 136 -8.79 -2.47 12.37
CA PHE A 136 -8.22 -1.26 11.80
C PHE A 136 -7.39 -1.55 10.57
N TYR A 137 -6.72 -2.70 10.53
CA TYR A 137 -5.92 -3.09 9.38
C TYR A 137 -6.72 -3.84 8.33
N PHE A 138 -7.83 -4.48 8.70
CA PHE A 138 -8.73 -5.03 7.70
C PHE A 138 -9.46 -3.92 6.97
N ALA A 139 -9.43 -2.70 7.52
CA ALA A 139 -10.00 -1.56 6.81
C ALA A 139 -9.21 -1.22 5.55
N ILE A 140 -8.00 -1.77 5.40
CA ILE A 140 -7.13 -1.40 4.27
C ILE A 140 -7.66 -1.92 2.94
N PRO A 141 -7.79 -3.23 2.71
CA PRO A 141 -8.24 -3.68 1.39
C PRO A 141 -9.64 -3.19 1.06
N LEU A 142 -10.52 -3.09 2.06
CA LEU A 142 -11.83 -2.48 1.83
C LEU A 142 -11.68 -1.04 1.38
N GLY A 143 -10.75 -0.31 1.99
CA GLY A 143 -10.51 1.06 1.57
C GLY A 143 -10.05 1.15 0.12
N SER A 144 -9.13 0.28 -0.28
CA SER A 144 -8.61 0.34 -1.64
C SER A 144 -9.69 -0.03 -2.67
N GLY A 145 -10.41 -1.12 -2.40
CA GLY A 145 -11.48 -1.50 -3.31
C GLY A 145 -12.55 -0.44 -3.43
N LEU A 146 -12.96 0.14 -2.30
CA LEU A 146 -13.93 1.22 -2.34
C LEU A 146 -13.38 2.45 -3.05
N GLY A 147 -12.07 2.68 -2.97
CA GLY A 147 -11.49 3.80 -3.72
C GLY A 147 -11.61 3.60 -5.22
N TYR A 148 -11.26 2.41 -5.70
CA TYR A 148 -11.43 2.12 -7.12
C TYR A 148 -12.89 2.25 -7.55
N ILE A 149 -13.79 1.64 -6.78
CA ILE A 149 -15.20 1.64 -7.15
C ILE A 149 -15.75 3.06 -7.13
N THR A 150 -15.40 3.84 -6.11
CA THR A 150 -15.89 5.22 -6.01
C THR A 150 -15.40 6.05 -7.18
N GLY A 151 -14.10 5.95 -7.50
CA GLY A 151 -13.59 6.72 -8.62
C GLY A 151 -14.31 6.41 -9.92
N SER A 152 -14.36 5.12 -10.28
CA SER A 152 -14.93 4.75 -11.57
C SER A 152 -16.45 4.63 -11.55
N SER A 153 -17.10 4.92 -10.42
CA SER A 153 -18.55 5.06 -10.40
C SER A 153 -18.99 6.51 -10.41
N VAL A 154 -18.29 7.39 -9.70
CA VAL A 154 -18.59 8.81 -9.81
C VAL A 154 -18.23 9.32 -11.20
N LYS A 155 -17.16 8.80 -11.81
CA LYS A 155 -16.98 9.00 -13.24
C LYS A 155 -18.26 8.79 -14.03
N GLN A 156 -18.82 7.59 -13.96
CA GLN A 156 -19.94 7.24 -14.83
C GLN A 156 -21.19 8.02 -14.45
N ALA A 157 -21.37 8.31 -13.16
CA ALA A 157 -22.58 9.01 -12.73
C ALA A 157 -22.51 10.48 -13.07
N ALA A 158 -21.55 11.21 -12.49
CA ALA A 158 -21.48 12.65 -12.72
C ALA A 158 -21.11 12.98 -14.15
N GLY A 159 -20.17 12.23 -14.73
CA GLY A 159 -19.72 12.48 -16.09
C GLY A 159 -18.42 13.24 -16.21
N ASP A 160 -17.83 13.68 -15.10
CA ASP A 160 -16.55 14.37 -15.11
C ASP A 160 -15.59 13.67 -14.16
N TRP A 161 -14.32 13.57 -14.57
CA TRP A 161 -13.31 13.02 -13.68
C TRP A 161 -13.11 13.88 -12.44
N HIS A 162 -13.48 15.16 -12.50
CA HIS A 162 -13.33 16.04 -11.35
C HIS A 162 -14.10 15.50 -10.16
N TRP A 163 -15.33 15.06 -10.38
CA TRP A 163 -16.18 14.64 -9.28
C TRP A 163 -15.68 13.40 -8.57
N ALA A 164 -14.72 12.67 -9.16
CA ALA A 164 -14.14 11.54 -8.44
C ALA A 164 -13.39 11.99 -7.20
N LEU A 165 -12.85 13.20 -7.21
CA LEU A 165 -12.10 13.75 -6.09
C LEU A 165 -12.94 14.67 -5.22
N ARG A 166 -14.26 14.71 -5.43
CA ARG A 166 -15.11 15.64 -4.71
C ARG A 166 -16.06 14.98 -3.71
N VAL A 167 -16.25 13.67 -3.77
CA VAL A 167 -17.20 13.01 -2.89
C VAL A 167 -16.55 12.61 -1.56
N SER A 168 -15.27 12.25 -1.58
CA SER A 168 -14.59 11.83 -0.37
C SER A 168 -14.26 12.96 0.61
N PRO A 169 -13.97 14.19 0.18
CA PRO A 169 -13.67 15.24 1.17
C PRO A 169 -14.78 15.52 2.17
N VAL A 170 -16.05 15.43 1.76
CA VAL A 170 -17.13 15.69 2.71
C VAL A 170 -17.12 14.66 3.82
N LEU A 171 -17.01 13.39 3.45
CA LEU A 171 -16.86 12.34 4.46
C LEU A 171 -15.60 12.55 5.28
N GLY A 172 -14.56 13.10 4.66
CA GLY A 172 -13.34 13.36 5.40
C GLY A 172 -13.55 14.36 6.52
N MET A 173 -14.22 15.47 6.21
CA MET A 173 -14.51 16.46 7.24
C MET A 173 -15.45 15.90 8.30
N ILE A 174 -16.44 15.11 7.91
CA ILE A 174 -17.36 14.53 8.89
C ILE A 174 -16.63 13.59 9.83
N THR A 175 -15.76 12.73 9.27
CA THR A 175 -14.97 11.83 10.11
C THR A 175 -13.98 12.61 10.97
N GLY A 176 -13.48 13.74 10.47
CA GLY A 176 -12.65 14.57 11.31
C GLY A 176 -13.40 15.12 12.51
N THR A 177 -14.63 15.57 12.29
CA THR A 177 -15.45 16.05 13.40
C THR A 177 -15.71 14.93 14.41
N LEU A 178 -16.03 13.73 13.93
CA LEU A 178 -16.31 12.62 14.84
C LEU A 178 -15.06 12.20 15.61
N ILE A 179 -13.89 12.22 14.95
CA ILE A 179 -12.65 11.93 15.65
C ILE A 179 -12.39 12.99 16.72
N LEU A 180 -12.61 14.25 16.38
CA LEU A 180 -12.36 15.34 17.32
C LEU A 180 -13.40 15.40 18.43
N ILE A 181 -14.50 14.67 18.32
CA ILE A 181 -15.55 14.65 19.33
C ILE A 181 -15.58 13.32 20.08
N LEU A 182 -15.73 12.21 19.35
CA LEU A 182 -16.00 10.93 20.01
C LEU A 182 -14.77 10.36 20.69
N VAL A 183 -13.60 10.52 20.09
CA VAL A 183 -12.40 9.87 20.63
C VAL A 183 -12.04 10.49 21.98
N PRO A 184 -11.83 9.69 23.02
CA PRO A 184 -11.44 10.26 24.31
C PRO A 184 -10.13 11.01 24.22
N ALA A 185 -10.02 12.08 25.00
CA ALA A 185 -8.84 12.94 24.96
C ALA A 185 -7.58 12.12 25.23
N THR A 186 -6.56 12.34 24.40
CA THR A 186 -5.36 11.52 24.45
C THR A 186 -4.61 11.76 25.77
N LYS A 187 -4.14 10.68 26.37
CA LYS A 187 -3.40 10.73 27.62
C LYS A 187 -2.13 9.92 27.48
N ARG A 188 -1.02 10.47 28.00
CA ARG A 188 0.27 9.80 27.93
C ARG A 188 0.30 8.56 28.82
N SER A 203 21.34 5.90 21.61
CA SER A 203 20.21 6.50 20.91
C SER A 203 19.81 5.65 19.71
N TRP A 204 19.33 6.31 18.66
CA TRP A 204 18.97 5.59 17.43
C TRP A 204 20.20 5.04 16.72
N LEU A 205 21.38 5.59 16.98
CA LEU A 205 22.59 5.11 16.31
C LEU A 205 22.88 3.67 16.68
N ARG A 206 22.87 3.35 17.98
CA ARG A 206 23.16 1.99 18.42
C ARG A 206 22.11 1.02 17.90
N ASP A 207 20.84 1.41 17.96
CA ASP A 207 19.78 0.54 17.45
C ASP A 207 19.95 0.29 15.95
N MET A 208 20.25 1.33 15.18
CA MET A 208 20.43 1.15 13.75
C MET A 208 21.62 0.25 13.46
N LYS A 209 22.73 0.43 14.18
CA LYS A 209 23.89 -0.45 13.97
C LYS A 209 23.55 -1.89 14.29
N ALA A 210 22.86 -2.12 15.41
CA ALA A 210 22.47 -3.48 15.77
C ALA A 210 21.53 -4.09 14.73
N LEU A 211 20.62 -3.27 14.18
CA LEU A 211 19.67 -3.79 13.21
C LEU A 211 20.34 -4.13 11.88
N ILE A 212 21.23 -3.27 11.40
CA ILE A 212 21.94 -3.59 10.17
C ILE A 212 22.87 -4.77 10.39
N ARG A 213 23.30 -5.00 11.64
CA ARG A 213 24.03 -6.23 11.94
C ARG A 213 23.12 -7.44 12.02
N ASN A 214 21.80 -7.22 12.16
CA ASN A 214 20.84 -8.32 12.27
C ASN A 214 20.43 -8.77 10.88
N ARG A 215 20.86 -9.97 10.48
CA ARG A 215 20.71 -10.38 9.08
C ARG A 215 19.26 -10.71 8.74
N SER A 216 18.55 -11.40 9.63
CA SER A 216 17.17 -11.78 9.33
C SER A 216 16.31 -10.55 9.10
N TYR A 217 16.47 -9.54 9.95
CA TYR A 217 15.71 -8.31 9.77
C TYR A 217 16.06 -7.62 8.46
N VAL A 218 17.35 -7.59 8.11
CA VAL A 218 17.78 -6.91 6.88
C VAL A 218 17.16 -7.58 5.66
N PHE A 219 17.25 -8.91 5.59
CA PHE A 219 16.73 -9.59 4.41
C PHE A 219 15.20 -9.56 4.38
N SER A 220 14.53 -9.61 5.53
CA SER A 220 13.08 -9.46 5.52
C SER A 220 12.67 -8.05 5.09
N SER A 221 13.45 -7.03 5.48
CA SER A 221 13.15 -5.68 5.04
C SER A 221 13.31 -5.53 3.53
N LEU A 222 14.35 -6.12 2.97
CA LEU A 222 14.51 -6.07 1.52
C LEU A 222 13.38 -6.82 0.81
N ALA A 223 12.95 -7.96 1.36
CA ALA A 223 11.82 -8.68 0.77
C ALA A 223 10.55 -7.84 0.83
N THR A 224 10.30 -7.17 1.94
CA THR A 224 9.15 -6.26 2.03
C THR A 224 9.26 -5.13 1.03
N SER A 225 10.48 -4.64 0.79
CA SER A 225 10.67 -3.61 -0.22
C SER A 225 10.27 -4.11 -1.60
N ALA A 226 10.65 -5.34 -1.93
CA ALA A 226 10.23 -5.91 -3.22
C ALA A 226 8.70 -6.06 -3.29
N VAL A 227 8.09 -6.51 -2.20
CA VAL A 227 6.63 -6.63 -2.16
C VAL A 227 5.98 -5.27 -2.40
N SER A 228 6.50 -4.22 -1.77
CA SER A 228 5.95 -2.88 -1.95
C SER A 228 6.13 -2.40 -3.38
N PHE A 229 7.29 -2.68 -3.98
CA PHE A 229 7.50 -2.35 -5.38
C PHE A 229 6.40 -2.94 -6.25
N ALA A 230 6.19 -4.25 -6.12
CA ALA A 230 5.17 -4.91 -6.94
C ALA A 230 3.78 -4.36 -6.65
N THR A 231 3.45 -4.20 -5.36
CA THR A 231 2.12 -3.72 -4.99
C THR A 231 1.84 -2.35 -5.56
N GLY A 232 2.74 -1.39 -5.36
CA GLY A 232 2.51 -0.06 -5.90
C GLY A 232 2.39 -0.05 -7.40
N ALA A 233 3.36 -0.66 -8.10
CA ALA A 233 3.36 -0.58 -9.56
C ALA A 233 2.10 -1.21 -10.14
N LEU A 234 1.78 -2.44 -9.72
CA LEU A 234 0.60 -3.11 -10.26
C LEU A 234 -0.68 -2.40 -9.84
N GLY A 235 -0.85 -2.15 -8.55
CA GLY A 235 -2.07 -1.53 -8.09
C GLY A 235 -2.34 -0.18 -8.71
N MET A 236 -1.31 0.47 -9.24
CA MET A 236 -1.65 1.68 -9.98
C MET A 236 -1.90 1.42 -11.46
N TRP A 237 -1.05 0.63 -12.12
CA TRP A 237 -1.10 0.59 -13.58
C TRP A 237 -2.01 -0.48 -14.15
N ILE A 238 -2.51 -1.42 -13.35
CA ILE A 238 -3.35 -2.49 -13.88
C ILE A 238 -4.69 -1.99 -14.42
N PRO A 239 -5.43 -1.10 -13.75
CA PRO A 239 -6.69 -0.63 -14.36
C PRO A 239 -6.50 -0.01 -15.73
N LEU A 240 -5.51 0.88 -15.86
CA LEU A 240 -5.23 1.50 -17.15
C LEU A 240 -4.76 0.46 -18.17
N TYR A 241 -3.93 -0.48 -17.75
CA TYR A 241 -3.46 -1.51 -18.67
C TYR A 241 -4.62 -2.38 -19.16
N LEU A 242 -5.54 -2.73 -18.27
CA LEU A 242 -6.70 -3.52 -18.68
C LEU A 242 -7.60 -2.73 -19.62
N HIS A 243 -7.75 -1.42 -19.39
CA HIS A 243 -8.52 -0.62 -20.32
C HIS A 243 -7.87 -0.59 -21.69
N ARG A 244 -6.54 -0.45 -21.74
CA ARG A 244 -5.84 -0.50 -23.02
C ARG A 244 -6.02 -1.86 -23.68
N ALA A 245 -6.08 -2.92 -22.87
CA ALA A 245 -6.37 -4.25 -23.40
C ALA A 245 -7.73 -4.28 -24.05
N GLN A 246 -8.74 -3.68 -23.41
CA GLN A 246 -10.06 -3.64 -24.00
C GLN A 246 -10.06 -2.82 -25.29
N VAL A 247 -9.29 -1.74 -25.33
CA VAL A 247 -9.23 -0.91 -26.53
C VAL A 247 -8.63 -1.68 -27.69
N VAL A 248 -7.50 -2.36 -27.44
CA VAL A 248 -6.85 -3.10 -28.52
C VAL A 248 -7.71 -4.28 -28.95
N GLN A 249 -8.25 -5.04 -27.99
CA GLN A 249 -8.99 -6.25 -28.33
C GLN A 249 -10.30 -5.93 -29.03
N LYS A 250 -10.92 -4.81 -28.70
CA LYS A 250 -12.18 -4.38 -29.30
C LYS A 250 -13.28 -5.43 -29.10
N ALA A 262 -16.70 1.22 -18.00
CA ALA A 262 -15.78 1.44 -16.90
C ALA A 262 -15.87 0.30 -15.88
N LYS A 263 -16.16 -0.90 -16.37
CA LYS A 263 -16.27 -2.07 -15.49
C LYS A 263 -14.90 -2.60 -15.06
N ASP A 264 -13.83 -2.20 -15.75
CA ASP A 264 -12.50 -2.69 -15.42
C ASP A 264 -12.12 -2.32 -13.99
N SER A 265 -12.24 -1.03 -13.65
CA SER A 265 -11.86 -0.59 -12.32
C SER A 265 -12.82 -1.10 -11.25
N LEU A 266 -14.11 -1.24 -11.57
CA LEU A 266 -15.06 -1.79 -10.60
C LEU A 266 -14.71 -3.23 -10.25
N ILE A 267 -14.51 -4.06 -11.27
CA ILE A 267 -14.17 -5.46 -11.01
C ILE A 267 -12.81 -5.56 -10.34
N PHE A 268 -11.87 -4.69 -10.72
CA PHE A 268 -10.57 -4.71 -10.05
C PHE A 268 -10.68 -4.31 -8.59
N GLY A 269 -11.57 -3.37 -8.26
CA GLY A 269 -11.78 -3.01 -6.87
C GLY A 269 -12.38 -4.14 -6.07
N ALA A 270 -13.38 -4.83 -6.62
CA ALA A 270 -13.96 -5.97 -5.93
C ALA A 270 -12.92 -7.07 -5.73
N ILE A 271 -12.11 -7.32 -6.77
CA ILE A 271 -11.04 -8.32 -6.69
C ILE A 271 -10.04 -7.93 -5.62
N THR A 272 -9.68 -6.66 -5.54
CA THR A 272 -8.73 -6.21 -4.52
C THR A 272 -9.30 -6.39 -3.12
N CYS A 273 -10.57 -6.07 -2.93
CA CYS A 273 -11.19 -6.30 -1.62
C CYS A 273 -11.11 -7.76 -1.23
N PHE A 274 -11.57 -8.66 -2.11
CA PHE A 274 -11.59 -10.07 -1.77
C PHE A 274 -10.18 -10.62 -1.57
N THR A 275 -9.23 -10.21 -2.40
CA THR A 275 -7.87 -10.72 -2.26
C THR A 275 -7.20 -10.21 -1.00
N GLY A 276 -7.42 -8.94 -0.65
CA GLY A 276 -6.89 -8.45 0.61
C GLY A 276 -7.47 -9.19 1.79
N PHE A 277 -8.76 -9.54 1.71
CA PHE A 277 -9.39 -10.22 2.83
C PHE A 277 -9.01 -11.69 2.91
N LEU A 278 -8.64 -12.30 1.77
CA LEU A 278 -8.38 -13.73 1.74
C LEU A 278 -6.90 -14.08 1.77
N GLY A 279 -6.02 -13.15 1.42
CA GLY A 279 -4.60 -13.45 1.44
C GLY A 279 -4.07 -13.70 2.84
N VAL A 280 -4.53 -12.92 3.81
CA VAL A 280 -4.11 -13.13 5.19
C VAL A 280 -4.61 -14.48 5.69
N VAL A 281 -5.83 -14.86 5.29
CA VAL A 281 -6.37 -16.16 5.68
C VAL A 281 -5.54 -17.29 5.10
N THR A 282 -5.19 -17.18 3.82
CA THR A 282 -4.34 -18.20 3.19
C THR A 282 -2.97 -18.27 3.88
N GLY A 283 -2.40 -17.11 4.21
CA GLY A 283 -1.13 -17.10 4.90
C GLY A 283 -1.22 -17.74 6.28
N ALA A 284 -2.29 -17.46 7.01
CA ALA A 284 -2.47 -18.06 8.32
C ALA A 284 -2.63 -19.57 8.22
N GLY A 285 -3.39 -20.04 7.23
CA GLY A 285 -3.53 -21.47 7.04
C GLY A 285 -2.21 -22.15 6.70
N ALA A 286 -1.43 -21.53 5.80
CA ALA A 286 -0.14 -22.09 5.43
C ALA A 286 0.82 -22.11 6.62
N THR A 287 0.83 -21.03 7.41
CA THR A 287 1.66 -20.98 8.61
C THR A 287 1.25 -22.04 9.62
N ARG A 288 -0.05 -22.24 9.80
CA ARG A 288 -0.53 -23.27 10.71
C ARG A 288 -0.10 -24.66 10.25
N TRP A 289 -0.26 -24.95 8.96
CA TRP A 289 0.04 -26.29 8.47
C TRP A 289 1.53 -26.52 8.31
N CYS A 290 2.33 -25.45 8.30
CA CYS A 290 3.78 -25.62 8.16
C CYS A 290 4.51 -25.59 9.49
N ARG A 291 3.98 -24.88 10.49
CA ARG A 291 4.68 -24.75 11.76
C ARG A 291 4.76 -26.07 12.52
N LEU A 292 3.85 -27.01 12.25
CA LEU A 292 3.92 -28.31 12.91
C LEU A 292 5.08 -29.15 12.40
N LYS A 293 5.76 -28.72 11.33
CA LYS A 293 6.83 -29.50 10.73
C LYS A 293 8.20 -28.84 10.76
N THR A 294 8.27 -27.53 11.00
CA THR A 294 9.55 -26.83 11.06
C THR A 294 9.39 -25.56 11.87
N GLN A 295 10.52 -24.91 12.14
CA GLN A 295 10.53 -23.61 12.82
C GLN A 295 10.60 -22.45 11.84
N ARG A 296 11.09 -22.68 10.62
CA ARG A 296 11.17 -21.66 9.59
C ARG A 296 9.92 -21.60 8.73
N ALA A 297 8.76 -21.93 9.29
CA ALA A 297 7.54 -21.96 8.50
C ALA A 297 7.19 -20.59 7.96
N ASP A 298 7.35 -19.54 8.76
CA ASP A 298 6.96 -18.21 8.31
C ASP A 298 7.73 -17.73 7.09
N PRO A 299 9.07 -17.72 7.07
CA PRO A 299 9.75 -17.23 5.86
C PRO A 299 9.63 -18.16 4.67
N LEU A 300 9.63 -19.48 4.88
CA LEU A 300 9.43 -20.39 3.76
C LEU A 300 8.06 -20.21 3.14
N VAL A 301 7.03 -20.01 3.97
CA VAL A 301 5.69 -19.74 3.46
C VAL A 301 5.67 -18.42 2.68
N CYS A 302 6.34 -17.40 3.21
CA CYS A 302 6.44 -16.14 2.46
C CYS A 302 7.09 -16.36 1.10
N ALA A 303 8.19 -17.12 1.07
CA ALA A 303 8.91 -17.34 -0.18
C ALA A 303 8.06 -18.09 -1.20
N VAL A 304 7.38 -19.16 -0.76
CA VAL A 304 6.55 -19.92 -1.70
C VAL A 304 5.39 -19.07 -2.19
N GLY A 305 4.77 -18.30 -1.30
CA GLY A 305 3.70 -17.41 -1.73
C GLY A 305 4.18 -16.39 -2.75
N MET A 306 5.37 -15.83 -2.54
CA MET A 306 5.91 -14.86 -3.48
C MET A 306 6.21 -15.50 -4.83
N LEU A 307 6.76 -16.71 -4.85
CA LEU A 307 7.02 -17.36 -6.13
C LEU A 307 5.73 -17.64 -6.89
N GLY A 308 4.71 -18.13 -6.18
CA GLY A 308 3.41 -18.33 -6.83
C GLY A 308 2.82 -17.04 -7.37
N SER A 309 2.88 -15.98 -6.57
CA SER A 309 2.37 -14.69 -7.02
C SER A 309 3.14 -14.18 -8.23
N ALA A 310 4.46 -14.39 -8.25
CA ALA A 310 5.25 -13.98 -9.39
C ALA A 310 4.83 -14.73 -10.66
N ILE A 311 4.61 -16.04 -10.54
CA ILE A 311 4.19 -16.81 -11.71
C ILE A 311 2.85 -16.31 -12.24
N PHE A 312 1.89 -16.09 -11.33
CA PHE A 312 0.58 -15.66 -11.80
C PHE A 312 0.58 -14.23 -12.31
N ILE A 313 1.43 -13.37 -11.75
CA ILE A 313 1.55 -12.02 -12.27
C ILE A 313 2.20 -12.04 -13.66
N CYS A 314 3.16 -12.94 -13.88
CA CYS A 314 3.65 -13.16 -15.24
C CYS A 314 2.51 -13.55 -16.16
N LEU A 315 1.65 -14.46 -15.72
CA LEU A 315 0.57 -14.92 -16.59
C LEU A 315 -0.51 -13.87 -16.81
N ILE A 316 -0.57 -12.82 -15.98
CA ILE A 316 -1.59 -11.79 -16.17
C ILE A 316 -1.50 -11.20 -17.58
N PHE A 317 -0.30 -10.86 -18.03
CA PHE A 317 -0.16 -10.18 -19.31
C PHE A 317 -0.48 -11.11 -20.48
N VAL A 318 0.02 -12.35 -20.41
CA VAL A 318 -0.27 -13.32 -21.47
C VAL A 318 -1.78 -13.56 -21.56
N ALA A 319 -2.46 -13.62 -20.41
CA ALA A 319 -3.91 -13.81 -20.43
C ALA A 319 -4.62 -12.59 -21.00
N ALA A 320 -4.26 -11.40 -20.52
CA ALA A 320 -4.94 -10.17 -20.95
C ALA A 320 -4.70 -9.88 -22.43
N LYS A 321 -3.66 -10.47 -23.02
CA LYS A 321 -3.48 -10.32 -24.46
C LYS A 321 -4.65 -10.92 -25.22
N SER A 322 -5.16 -12.07 -24.76
CA SER A 322 -6.23 -12.79 -25.45
C SER A 322 -7.61 -12.46 -24.90
N SER A 323 -7.84 -12.73 -23.61
CA SER A 323 -9.16 -12.55 -23.02
C SER A 323 -9.02 -11.94 -21.63
N ILE A 324 -10.04 -11.18 -21.22
CA ILE A 324 -9.92 -10.39 -19.99
C ILE A 324 -10.35 -11.20 -18.77
N VAL A 325 -11.23 -12.18 -18.94
CA VAL A 325 -11.67 -12.98 -17.80
C VAL A 325 -10.50 -13.74 -17.19
N GLY A 326 -9.65 -14.31 -18.05
CA GLY A 326 -8.43 -14.93 -17.56
C GLY A 326 -7.53 -13.93 -16.86
N ALA A 327 -7.50 -12.70 -17.34
CA ALA A 327 -6.72 -11.66 -16.67
C ALA A 327 -7.25 -11.40 -15.27
N TYR A 328 -8.58 -11.34 -15.12
CA TYR A 328 -9.15 -11.13 -13.79
C TYR A 328 -8.85 -12.30 -12.87
N ILE A 329 -8.93 -13.52 -13.38
CA ILE A 329 -8.63 -14.69 -12.54
C ILE A 329 -7.17 -14.69 -12.12
N CYS A 330 -6.27 -14.34 -13.05
CA CYS A 330 -4.85 -14.27 -12.71
C CYS A 330 -4.58 -13.17 -11.69
N ILE A 331 -5.28 -12.04 -11.80
CA ILE A 331 -5.16 -10.99 -10.79
C ILE A 331 -5.63 -11.52 -9.44
N PHE A 332 -6.76 -12.23 -9.43
CA PHE A 332 -7.28 -12.83 -8.20
C PHE A 332 -6.22 -13.69 -7.52
N VAL A 333 -5.65 -14.64 -8.27
CA VAL A 333 -4.70 -15.58 -7.67
C VAL A 333 -3.40 -14.89 -7.30
N GLY A 334 -2.89 -14.01 -8.16
CA GLY A 334 -1.65 -13.33 -7.87
C GLY A 334 -1.73 -12.42 -6.66
N GLU A 335 -2.84 -11.69 -6.52
CA GLU A 335 -3.03 -10.88 -5.34
C GLU A 335 -3.20 -11.73 -4.10
N THR A 336 -3.93 -12.84 -4.22
CA THR A 336 -4.11 -13.71 -3.06
C THR A 336 -2.78 -14.25 -2.55
N LEU A 337 -1.91 -14.69 -3.45
CA LEU A 337 -0.61 -15.19 -3.01
C LEU A 337 0.36 -14.06 -2.62
N LEU A 338 0.21 -12.88 -3.23
CA LEU A 338 1.11 -11.77 -2.95
C LEU A 338 0.79 -11.09 -1.62
N PHE A 339 -0.49 -10.99 -1.27
CA PHE A 339 -0.91 -10.26 -0.08
C PHE A 339 -0.79 -11.07 1.19
N SER A 340 -0.40 -12.35 1.10
CA SER A 340 -0.36 -13.19 2.29
C SER A 340 0.79 -12.81 3.22
N ASN A 341 1.84 -12.19 2.69
CA ASN A 341 3.06 -11.96 3.46
C ASN A 341 3.08 -10.56 4.09
N TRP A 342 2.05 -10.26 4.87
CA TRP A 342 2.00 -9.06 5.69
C TRP A 342 2.03 -9.38 7.18
N ALA A 343 1.06 -10.15 7.65
CA ALA A 343 1.09 -10.59 9.04
C ALA A 343 2.31 -11.47 9.31
N ILE A 344 2.72 -12.27 8.32
CA ILE A 344 3.86 -13.15 8.52
C ILE A 344 5.14 -12.34 8.59
N THR A 345 5.28 -11.30 7.77
CA THR A 345 6.43 -10.42 7.88
C THR A 345 6.47 -9.72 9.22
N ALA A 346 5.29 -9.28 9.70
CA ALA A 346 5.24 -8.66 11.03
C ALA A 346 5.69 -9.64 12.10
N ASP A 347 5.25 -10.91 12.00
CA ASP A 347 5.67 -11.92 12.97
C ASP A 347 7.17 -12.15 12.92
N ILE A 348 7.74 -12.21 11.71
CA ILE A 348 9.19 -12.41 11.59
C ILE A 348 9.95 -11.26 12.25
N LEU A 349 9.51 -10.04 11.98
CA LEU A 349 10.17 -8.88 12.59
C LEU A 349 10.03 -8.90 14.10
N MET A 350 8.87 -9.31 14.61
CA MET A 350 8.66 -9.39 16.05
C MET A 350 9.58 -10.44 16.67
N TYR A 351 9.75 -11.57 16.00
CA TYR A 351 10.59 -12.64 16.55
C TYR A 351 12.06 -12.26 16.56
N VAL A 352 12.58 -11.76 15.44
CA VAL A 352 14.02 -11.59 15.34
C VAL A 352 14.52 -10.37 16.10
N VAL A 353 13.66 -9.37 16.31
CA VAL A 353 14.05 -8.12 16.94
C VAL A 353 13.60 -8.13 18.39
N ILE A 354 14.54 -7.89 19.30
CA ILE A 354 14.27 -7.95 20.74
C ILE A 354 13.31 -6.83 21.10
N PRO A 355 12.59 -6.92 22.23
CA PRO A 355 11.53 -5.93 22.51
C PRO A 355 11.99 -4.49 22.56
N THR A 356 13.23 -4.22 22.98
CA THR A 356 13.66 -2.84 23.15
C THR A 356 13.83 -2.11 21.82
N ARG A 357 13.80 -2.84 20.70
CA ARG A 357 14.02 -2.23 19.40
C ARG A 357 12.87 -2.44 18.41
N ARG A 358 11.70 -2.89 18.85
CA ARG A 358 10.62 -3.04 17.88
C ARG A 358 10.09 -1.71 17.36
N ALA A 359 10.46 -0.59 17.97
CA ALA A 359 10.04 0.70 17.42
C ALA A 359 10.97 1.13 16.29
N THR A 360 12.27 1.13 16.55
CA THR A 360 13.24 1.48 15.52
C THR A 360 13.20 0.49 14.36
N ALA A 361 13.02 -0.79 14.65
CA ALA A 361 12.96 -1.79 13.59
C ALA A 361 11.79 -1.52 12.66
N VAL A 362 10.61 -1.27 13.22
CA VAL A 362 9.43 -1.01 12.40
C VAL A 362 9.61 0.29 11.61
N ALA A 363 10.11 1.34 12.26
CA ALA A 363 10.29 2.60 11.56
C ALA A 363 11.24 2.47 10.37
N LEU A 364 12.41 1.85 10.61
CA LEU A 364 13.38 1.71 9.54
C LEU A 364 12.90 0.74 8.47
N GLN A 365 12.16 -0.30 8.84
CA GLN A 365 11.62 -1.21 7.84
C GLN A 365 10.60 -0.51 6.95
N SER A 366 9.71 0.28 7.54
CA SER A 366 8.74 1.02 6.73
C SER A 366 9.44 2.01 5.81
N PHE A 367 10.43 2.73 6.33
CA PHE A 367 11.15 3.69 5.49
C PHE A 367 11.88 2.99 4.34
N THR A 368 12.54 1.86 4.62
CA THR A 368 13.26 1.15 3.56
C THR A 368 12.30 0.57 2.53
N SER A 369 11.18 -0.01 2.99
CA SER A 369 10.21 -0.55 2.06
C SER A 369 9.65 0.53 1.15
N HIS A 370 9.31 1.69 1.72
CA HIS A 370 8.83 2.78 0.87
C HIS A 370 9.91 3.28 -0.07
N LEU A 371 11.15 3.37 0.40
CA LEU A 371 12.23 3.88 -0.45
C LEU A 371 12.48 2.98 -1.64
N LEU A 372 12.48 1.67 -1.44
CA LEU A 372 12.79 0.77 -2.55
C LEU A 372 11.56 0.29 -3.29
N GLY A 373 10.35 0.57 -2.81
CA GLY A 373 9.16 0.13 -3.48
C GLY A 373 8.27 1.23 -4.02
N ASP A 374 7.24 1.57 -3.24
CA ASP A 374 6.18 2.45 -3.73
C ASP A 374 6.71 3.80 -4.20
N ALA A 375 7.84 4.25 -3.67
CA ALA A 375 8.33 5.57 -4.06
C ALA A 375 8.77 5.59 -5.51
N GLY A 376 9.54 4.58 -5.93
CA GLY A 376 10.11 4.62 -7.25
C GLY A 376 9.40 3.77 -8.29
N SER A 377 8.58 2.82 -7.86
CA SER A 377 8.00 1.87 -8.82
C SER A 377 7.06 2.54 -9.82
N PRO A 378 6.09 3.39 -9.44
CA PRO A 378 5.20 3.94 -10.47
C PRO A 378 5.92 4.80 -11.48
N TYR A 379 6.82 5.67 -11.03
CA TYR A 379 7.57 6.50 -11.97
C TYR A 379 8.49 5.67 -12.83
N LEU A 380 9.10 4.62 -12.26
CA LEU A 380 9.99 3.77 -13.05
C LEU A 380 9.23 3.04 -14.13
N ILE A 381 8.05 2.50 -13.79
CA ILE A 381 7.22 1.84 -14.81
C ILE A 381 6.80 2.84 -15.87
N GLY A 382 6.42 4.04 -15.46
CA GLY A 382 6.05 5.06 -16.44
C GLY A 382 7.21 5.41 -17.35
N PHE A 383 8.41 5.55 -16.80
CA PHE A 383 9.56 5.93 -17.61
C PHE A 383 9.94 4.83 -18.58
N ILE A 384 9.94 3.58 -18.13
CA ILE A 384 10.26 2.46 -19.02
C ILE A 384 9.21 2.35 -20.12
N SER A 385 7.94 2.50 -19.78
CA SER A 385 6.89 2.47 -20.78
C SER A 385 7.07 3.60 -21.79
N ASP A 386 7.43 4.79 -21.31
CA ASP A 386 7.63 5.92 -22.22
C ASP A 386 8.78 5.65 -23.17
N LEU A 387 9.88 5.09 -22.68
CA LEU A 387 11.00 4.78 -23.57
C LEU A 387 10.61 3.73 -24.60
N ILE A 388 9.95 2.67 -24.17
CA ILE A 388 9.57 1.60 -25.09
C ILE A 388 8.63 2.13 -26.15
N ARG A 389 7.67 2.98 -25.76
CA ARG A 389 6.79 3.59 -26.73
C ARG A 389 7.53 4.54 -27.67
N GLN A 390 8.52 5.27 -27.14
CA GLN A 390 9.28 6.19 -27.98
C GLN A 390 10.10 5.44 -29.01
N SER A 391 10.46 4.18 -28.74
CA SER A 391 11.21 3.40 -29.71
C SER A 391 10.44 3.24 -31.02
N THR A 392 9.13 3.00 -30.94
CA THR A 392 8.32 2.66 -32.09
C THR A 392 7.28 3.77 -32.33
N LYS A 393 6.72 3.81 -33.52
CA LYS A 393 5.64 4.74 -33.81
C LYS A 393 4.43 4.46 -32.91
N ASP A 394 3.77 5.54 -32.49
CA ASP A 394 2.68 5.40 -31.53
C ASP A 394 1.44 4.80 -32.18
N SER A 395 0.80 3.89 -31.45
CA SER A 395 -0.46 3.27 -31.86
C SER A 395 -1.05 2.57 -30.64
N PRO A 396 -2.37 2.38 -30.60
CA PRO A 396 -2.98 1.72 -29.42
C PRO A 396 -2.40 0.36 -29.14
N LEU A 397 -2.12 -0.42 -30.19
CA LEU A 397 -1.47 -1.72 -30.00
C LEU A 397 -0.10 -1.55 -29.36
N TRP A 398 0.66 -0.55 -29.80
CA TRP A 398 1.96 -0.34 -29.20
C TRP A 398 1.87 0.29 -27.82
N GLU A 399 0.81 1.04 -27.53
CA GLU A 399 0.59 1.47 -26.15
C GLU A 399 0.37 0.28 -25.23
N PHE A 400 -0.47 -0.67 -25.68
CA PHE A 400 -0.61 -1.95 -24.99
C PHE A 400 0.75 -2.62 -24.78
N LEU A 401 1.51 -2.77 -25.86
CA LEU A 401 2.76 -3.53 -25.77
C LEU A 401 3.75 -2.84 -24.85
N SER A 402 3.86 -1.52 -24.95
CA SER A 402 4.80 -0.79 -24.11
C SER A 402 4.42 -0.90 -22.63
N LEU A 403 3.13 -0.73 -22.31
CA LEU A 403 2.73 -0.86 -20.91
C LEU A 403 2.95 -2.26 -20.39
N GLY A 404 2.64 -3.27 -21.21
CA GLY A 404 2.88 -4.64 -20.78
C GLY A 404 4.34 -4.93 -20.53
N TYR A 405 5.21 -4.49 -21.45
CA TYR A 405 6.63 -4.73 -21.27
C TYR A 405 7.17 -3.99 -20.05
N ALA A 406 6.70 -2.76 -19.82
CA ALA A 406 7.14 -2.02 -18.65
C ALA A 406 6.72 -2.71 -17.37
N LEU A 407 5.48 -3.19 -17.32
CA LEU A 407 4.99 -3.88 -16.12
C LEU A 407 5.63 -5.24 -15.94
N MET A 408 6.19 -5.81 -17.01
CA MET A 408 6.85 -7.11 -16.90
C MET A 408 8.04 -7.07 -15.94
N LEU A 409 8.55 -5.88 -15.62
CA LEU A 409 9.64 -5.76 -14.67
C LEU A 409 9.21 -6.21 -13.28
N CYS A 410 7.95 -6.01 -12.93
CA CYS A 410 7.49 -6.32 -11.57
C CYS A 410 7.60 -7.79 -11.21
N PRO A 411 7.20 -8.76 -12.04
CA PRO A 411 7.39 -10.17 -11.65
C PRO A 411 8.83 -10.52 -11.34
N PHE A 412 9.79 -9.93 -12.05
CA PHE A 412 11.19 -10.15 -11.70
C PHE A 412 11.50 -9.63 -10.31
N VAL A 413 10.93 -8.48 -9.93
CA VAL A 413 11.11 -7.96 -8.58
C VAL A 413 10.46 -8.89 -7.57
N VAL A 414 9.32 -9.48 -7.89
CA VAL A 414 8.69 -10.42 -6.97
C VAL A 414 9.56 -11.64 -6.77
N VAL A 415 10.17 -12.15 -7.85
CA VAL A 415 11.08 -13.28 -7.73
C VAL A 415 12.28 -12.92 -6.87
N LEU A 416 12.81 -11.70 -7.06
CA LEU A 416 13.94 -11.26 -6.24
C LEU A 416 13.54 -11.17 -4.77
N GLY A 417 12.34 -10.68 -4.49
CA GLY A 417 11.86 -10.65 -3.12
C GLY A 417 11.69 -12.03 -2.53
N GLY A 418 11.23 -12.99 -3.34
CA GLY A 418 11.17 -14.37 -2.87
C GLY A 418 12.55 -14.91 -2.53
N MET A 419 13.55 -14.57 -3.34
CA MET A 419 14.92 -14.94 -3.00
C MET A 419 15.35 -14.33 -1.67
N PHE A 420 14.97 -13.08 -1.43
CA PHE A 420 15.34 -12.44 -0.17
C PHE A 420 14.62 -13.09 1.01
N PHE A 421 13.37 -13.51 0.82
CA PHE A 421 12.67 -14.22 1.88
C PHE A 421 13.33 -15.56 2.18
N LEU A 422 13.78 -16.27 1.15
CA LEU A 422 14.53 -17.50 1.40
C LEU A 422 15.83 -17.22 2.15
N ALA A 423 16.51 -16.12 1.80
CA ALA A 423 17.70 -15.74 2.54
C ALA A 423 17.38 -15.46 4.00
N THR A 424 16.22 -14.84 4.27
CA THR A 424 15.77 -14.67 5.64
C THR A 424 15.56 -16.01 6.33
N ALA A 425 14.92 -16.95 5.64
CA ALA A 425 14.70 -18.28 6.20
C ALA A 425 16.01 -18.95 6.55
N LEU A 426 17.09 -18.61 5.83
CA LEU A 426 18.38 -19.23 6.14
C LEU A 426 18.84 -18.88 7.54
N PHE A 427 18.65 -17.64 7.97
CA PHE A 427 19.11 -17.16 9.28
C PHE A 427 18.02 -17.08 10.33
N PHE A 428 16.78 -17.47 9.99
CA PHE A 428 15.66 -17.24 10.92
C PHE A 428 15.86 -17.98 12.23
N VAL A 429 16.25 -19.26 12.18
CA VAL A 429 16.41 -20.02 13.42
C VAL A 429 17.51 -19.41 14.29
N SER A 430 18.66 -19.10 13.68
CA SER A 430 19.77 -18.55 14.43
C SER A 430 19.41 -17.24 15.09
N ASP A 431 18.74 -16.35 14.34
CA ASP A 431 18.42 -15.04 14.91
C ASP A 431 17.29 -15.11 15.91
N ARG A 432 16.31 -15.99 15.74
CA ARG A 432 15.31 -16.18 16.77
C ARG A 432 15.94 -16.68 18.06
N ALA A 433 16.87 -17.63 17.95
CA ALA A 433 17.56 -18.12 19.13
C ALA A 433 18.36 -17.01 19.80
N ARG A 434 19.05 -16.20 19.01
CA ARG A 434 19.83 -15.11 19.60
C ARG A 434 18.93 -14.09 20.28
N ALA A 435 17.78 -13.77 19.68
CA ALA A 435 16.85 -12.83 20.29
C ALA A 435 16.32 -13.36 21.61
N GLU A 436 15.96 -14.66 21.65
CA GLU A 436 15.50 -15.25 22.90
C GLU A 436 16.58 -15.24 23.96
N GLN A 437 17.82 -15.57 23.56
CA GLN A 437 18.93 -15.55 24.51
C GLN A 437 19.15 -14.15 25.08
N GLN A 438 19.07 -13.13 24.23
CA GLN A 438 19.30 -11.76 24.69
C GLN A 438 18.17 -11.28 25.59
N VAL A 439 16.92 -11.55 25.23
CA VAL A 439 15.80 -11.06 26.04
C VAL A 439 15.73 -11.81 27.37
N ASN A 440 16.10 -13.09 27.40
CA ASN A 440 16.08 -13.84 28.65
C ASN A 440 17.12 -13.36 29.64
N GLN A 441 18.09 -12.57 29.20
CA GLN A 441 19.12 -12.04 30.09
C GLN A 441 18.55 -10.95 30.98
C1 S1P B . -3.51 -7.74 8.54
O1 S1P B . -2.52 -7.39 9.46
C2 S1P B . -3.69 -6.60 7.54
N2 S1P B . -4.95 -6.77 6.82
C3 S1P B . -2.54 -6.61 6.55
O3 S1P B . -1.74 -5.47 6.74
C4 S1P B . -3.10 -6.62 5.13
C5 S1P B . -2.49 -5.95 4.16
C6 S1P B . -3.05 -5.96 2.75
C7 S1P B . -2.31 -4.93 1.91
C8 S1P B . -3.10 -4.66 0.64
C9 S1P B . -2.64 -3.35 0.02
C10 S1P B . -3.64 -2.92 -1.06
C11 S1P B . -2.88 -2.30 -2.23
C12 S1P B . -3.83 -2.19 -3.43
C13 S1P B . -3.03 -2.44 -4.70
C14 S1P B . -3.34 -3.84 -5.21
C15 S1P B . -2.11 -4.43 -5.89
C16 S1P B . -2.54 -5.04 -7.22
C17 S1P B . -1.70 -6.28 -7.51
C18 S1P B . -2.21 -6.93 -8.80
P22 S1P B . -2.62 -7.99 10.99
O23 S1P B . -2.52 -9.49 10.95
O24 S1P B . -1.48 -7.44 11.82
O25 S1P B . -3.92 -7.59 11.61
#